data_7PPA
#
_entry.id   7PPA
#
_cell.length_a   44.718
_cell.length_b   47.228
_cell.length_c   250.085
_cell.angle_alpha   90.000
_cell.angle_beta   90.000
_cell.angle_gamma   90.000
#
_symmetry.space_group_name_H-M   'P 21 21 21'
#
loop_
_entity.id
_entity.type
_entity.pdbx_description
1 polymer 'Bone morphogenetic protein 10'
2 polymer 'Bone morphogenetic protein receptor type-2'
3 non-polymer GLYCEROL
4 water water
#
loop_
_entity_poly.entity_id
_entity_poly.type
_entity_poly.pdbx_seq_one_letter_code
_entity_poly.pdbx_strand_id
1 'polypeptide(L)'
;NAKGNYCKRTPLYIDFKEIGWDSWIIAPPGYEAYECRGVCNYPLAEHLTPTKHAIIQALVHLKNSQKASKACCVPTKLEP
ISILYLDKGVVTYKFKYEGMAVSECGCR
;
A,B
2 'polypeptide(L)'
;GSQNQERLCAFKDPYQQDLGIGESRISHENGTILCSKGSTCYGLWEKSKGDINLVKQGCWSHIGDPQECHYEECVVTTTP
PSIQNGTYRFCCCSTDLCNVNFTENFPPPDTTPLSPPHSFNRDET
;
C,D
#
loop_
_chem_comp.id
_chem_comp.type
_chem_comp.name
_chem_comp.formula
GOL non-polymer GLYCEROL 'C3 H8 O3'
#
# COMPACT_ATOMS: atom_id res chain seq x y z
N ASN A 5 -5.17 21.00 -5.84
CA ASN A 5 -5.36 19.64 -6.40
C ASN A 5 -4.48 18.64 -5.64
N TYR A 6 -4.47 18.69 -4.31
CA TYR A 6 -3.61 17.80 -3.50
C TYR A 6 -4.24 16.39 -3.49
N CYS A 7 -3.37 15.39 -3.31
CA CYS A 7 -3.72 13.96 -3.27
C CYS A 7 -4.89 13.73 -2.31
N LYS A 8 -6.00 13.18 -2.77
CA LYS A 8 -7.17 12.89 -1.90
C LYS A 8 -8.04 11.80 -2.54
N ARG A 9 -8.88 11.22 -1.71
CA ARG A 9 -9.84 10.22 -2.16
C ARG A 9 -11.01 10.91 -2.85
N THR A 10 -11.31 10.42 -4.06
CA THR A 10 -12.42 10.93 -4.90
C THR A 10 -13.30 9.78 -5.35
N PRO A 11 -14.55 10.07 -5.75
CA PRO A 11 -15.44 8.96 -6.07
C PRO A 11 -15.12 8.20 -7.33
N LEU A 12 -15.48 6.92 -7.29
CA LEU A 12 -15.44 6.07 -8.50
C LEU A 12 -16.42 4.93 -8.28
N TYR A 13 -17.52 4.96 -8.99
CA TYR A 13 -18.51 3.86 -8.97
C TYR A 13 -18.19 2.84 -10.05
N ILE A 14 -18.15 1.57 -9.61
CA ILE A 14 -17.88 0.42 -10.52
C ILE A 14 -19.19 -0.28 -10.83
N ASP A 15 -19.51 -0.36 -12.14
CA ASP A 15 -20.69 -1.12 -12.57
C ASP A 15 -20.20 -2.44 -13.21
N PHE A 16 -20.50 -3.56 -12.62
CA PHE A 16 -19.91 -4.82 -13.11
C PHE A 16 -20.43 -5.19 -14.51
N LYS A 17 -21.67 -4.86 -14.83
N LYS A 17 -21.67 -4.85 -14.80
CA LYS A 17 -22.18 -5.17 -16.17
CA LYS A 17 -22.25 -5.10 -16.12
C LYS A 17 -21.47 -4.29 -17.21
C LYS A 17 -21.50 -4.27 -17.18
N GLU A 18 -21.20 -3.03 -16.88
CA GLU A 18 -20.50 -2.14 -17.83
C GLU A 18 -19.09 -2.65 -18.06
N ILE A 19 -18.40 -3.13 -17.03
CA ILE A 19 -17.00 -3.61 -17.27
C ILE A 19 -16.97 -5.04 -17.79
N GLY A 20 -18.11 -5.70 -17.87
CA GLY A 20 -18.23 -7.06 -18.40
C GLY A 20 -17.96 -8.17 -17.48
N TRP A 21 -18.04 -7.94 -16.19
CA TRP A 21 -17.66 -8.98 -15.22
C TRP A 21 -18.86 -9.57 -14.52
N ASP A 22 -20.09 -9.22 -14.87
N ASP A 22 -20.04 -9.17 -14.97
CA ASP A 22 -21.23 -9.95 -14.23
CA ASP A 22 -21.35 -9.74 -14.53
C ASP A 22 -21.55 -11.27 -14.94
C ASP A 22 -21.46 -11.24 -14.86
N SER A 23 -20.68 -11.72 -15.84
CA SER A 23 -20.53 -13.17 -16.25
C SER A 23 -20.17 -14.05 -15.03
N TRP A 24 -19.30 -13.48 -14.17
CA TRP A 24 -18.84 -14.19 -12.99
C TRP A 24 -19.22 -13.52 -11.69
N ILE A 25 -19.29 -12.21 -11.58
CA ILE A 25 -19.73 -11.59 -10.30
C ILE A 25 -21.24 -11.38 -10.41
N ILE A 26 -22.01 -12.04 -9.58
N ILE A 26 -21.98 -12.18 -9.61
CA ILE A 26 -23.47 -11.85 -9.78
CA ILE A 26 -23.48 -12.21 -9.49
C ILE A 26 -24.08 -10.98 -8.70
C ILE A 26 -24.00 -10.96 -8.76
N ALA A 27 -23.27 -10.51 -7.76
CA ALA A 27 -23.70 -9.52 -6.76
C ALA A 27 -22.46 -8.90 -6.16
N PRO A 28 -22.47 -7.60 -5.86
CA PRO A 28 -23.60 -6.68 -6.13
C PRO A 28 -23.58 -6.25 -7.60
N PRO A 29 -24.54 -5.42 -8.04
CA PRO A 29 -24.49 -4.83 -9.39
C PRO A 29 -23.25 -3.95 -9.63
N GLY A 30 -22.82 -3.35 -8.54
CA GLY A 30 -21.69 -2.41 -8.56
C GLY A 30 -21.46 -1.85 -7.19
N TYR A 31 -20.43 -1.05 -7.06
CA TYR A 31 -20.08 -0.53 -5.72
C TYR A 31 -19.24 0.73 -5.85
N GLU A 32 -19.10 1.42 -4.75
N GLU A 32 -19.09 1.41 -4.75
CA GLU A 32 -18.26 2.62 -4.61
CA GLU A 32 -18.26 2.64 -4.64
C GLU A 32 -16.83 2.15 -4.30
C GLU A 32 -16.83 2.17 -4.31
N ALA A 33 -15.95 2.17 -5.32
CA ALA A 33 -14.55 1.76 -5.14
C ALA A 33 -13.66 2.93 -4.71
N TYR A 34 -14.03 4.14 -5.10
CA TYR A 34 -13.24 5.36 -4.94
C TYR A 34 -11.94 5.21 -5.74
N GLU A 35 -11.20 6.32 -5.77
CA GLU A 35 -9.85 6.36 -6.32
C GLU A 35 -9.09 7.48 -5.61
N CYS A 36 -7.82 7.60 -5.93
CA CYS A 36 -6.94 8.63 -5.36
C CYS A 36 -6.49 9.52 -6.48
N ARG A 37 -6.76 10.84 -6.42
CA ARG A 37 -6.40 11.81 -7.47
C ARG A 37 -5.72 13.00 -6.81
N GLY A 38 -4.80 13.63 -7.55
CA GLY A 38 -4.13 14.83 -7.07
C GLY A 38 -2.65 14.64 -6.96
N VAL A 39 -1.96 15.71 -6.62
CA VAL A 39 -0.48 15.74 -6.74
C VAL A 39 0.10 15.61 -5.36
N CYS A 40 1.28 15.03 -5.31
CA CYS A 40 2.11 14.94 -4.11
C CYS A 40 3.31 15.88 -4.30
N ASN A 41 3.30 17.02 -3.62
CA ASN A 41 4.40 18.03 -3.68
C ASN A 41 5.06 18.10 -2.31
N TYR A 42 6.38 18.23 -2.29
CA TYR A 42 7.12 18.47 -1.04
C TYR A 42 6.70 19.87 -0.53
N PRO A 43 6.48 20.04 0.79
CA PRO A 43 6.51 18.96 1.78
C PRO A 43 5.26 18.07 1.75
N LEU A 44 5.43 16.76 1.93
CA LEU A 44 4.30 15.81 1.96
C LEU A 44 3.65 15.87 3.35
N ALA A 45 2.39 16.22 3.38
CA ALA A 45 1.60 16.37 4.62
C ALA A 45 1.54 15.01 5.35
N GLU A 46 1.57 15.03 6.67
CA GLU A 46 1.55 13.78 7.50
C GLU A 46 0.30 12.94 7.19
N HIS A 47 -0.86 13.54 6.88
CA HIS A 47 -2.09 12.74 6.62
C HIS A 47 -1.93 11.88 5.36
N LEU A 48 -0.93 12.15 4.52
CA LEU A 48 -0.65 11.34 3.31
C LEU A 48 0.32 10.18 3.63
N THR A 49 0.59 9.96 4.92
CA THR A 49 1.42 8.87 5.50
C THR A 49 2.66 8.64 4.65
N PRO A 50 3.39 9.70 4.24
CA PRO A 50 4.51 9.46 3.34
C PRO A 50 5.53 8.54 4.01
N THR A 51 6.09 7.68 3.18
CA THR A 51 7.27 6.87 3.51
C THR A 51 8.49 7.78 3.52
N LYS A 52 9.54 7.35 4.17
CA LYS A 52 10.79 8.14 4.16
C LYS A 52 11.24 8.27 2.70
N HIS A 53 11.11 7.21 1.93
CA HIS A 53 11.52 7.22 0.49
C HIS A 53 10.72 8.29 -0.27
N ALA A 54 9.40 8.36 -0.05
CA ALA A 54 8.56 9.32 -0.79
C ALA A 54 8.98 10.76 -0.47
N ILE A 55 9.26 11.03 0.82
CA ILE A 55 9.67 12.38 1.25
C ILE A 55 10.98 12.73 0.55
N ILE A 56 11.93 11.80 0.54
CA ILE A 56 13.27 12.06 -0.06
C ILE A 56 13.11 12.24 -1.56
N GLN A 57 12.35 11.38 -2.21
CA GLN A 57 12.19 11.49 -3.68
C GLN A 57 11.49 12.82 -4.02
N ALA A 58 10.46 13.21 -3.26
CA ALA A 58 9.73 14.47 -3.44
C ALA A 58 10.68 15.67 -3.35
N LEU A 59 11.57 15.63 -2.38
CA LEU A 59 12.56 16.72 -2.20
C LEU A 59 13.55 16.72 -3.35
N VAL A 60 14.03 15.56 -3.79
CA VAL A 60 14.97 15.51 -4.96
C VAL A 60 14.26 16.12 -6.16
N HIS A 61 13.00 15.80 -6.40
CA HIS A 61 12.24 16.31 -7.57
C HIS A 61 12.16 17.85 -7.49
N LEU A 62 11.86 18.39 -6.31
CA LEU A 62 11.77 19.85 -6.11
C LEU A 62 13.13 20.48 -6.45
N LYS A 63 14.23 19.88 -6.02
CA LYS A 63 15.59 20.45 -6.26
C LYS A 63 15.98 20.30 -7.73
N ASN A 64 15.68 19.16 -8.36
CA ASN A 64 16.15 18.83 -9.72
C ASN A 64 15.11 17.91 -10.37
N SER A 65 14.21 18.47 -11.16
CA SER A 65 13.05 17.71 -11.70
C SER A 65 13.54 16.61 -12.65
N GLN A 66 14.74 16.75 -13.21
CA GLN A 66 15.28 15.75 -14.18
C GLN A 66 15.85 14.56 -13.40
N LYS A 67 16.16 14.70 -12.11
CA LYS A 67 16.80 13.60 -11.35
C LYS A 67 15.76 12.62 -10.80
N ALA A 68 14.56 13.09 -10.45
CA ALA A 68 13.50 12.20 -9.92
C ALA A 68 12.14 12.78 -10.24
N SER A 69 11.16 11.87 -10.29
CA SER A 69 9.74 12.17 -10.50
C SER A 69 9.10 12.51 -9.16
N LYS A 70 7.92 13.13 -9.20
CA LYS A 70 7.13 13.29 -7.97
C LYS A 70 6.76 11.92 -7.39
N ALA A 71 6.55 11.91 -6.08
CA ALA A 71 5.83 10.84 -5.38
C ALA A 71 4.43 10.74 -6.00
N CYS A 72 3.83 9.59 -5.90
CA CYS A 72 2.55 9.28 -6.55
CA CYS A 72 2.55 9.23 -6.57
C CYS A 72 1.40 9.15 -5.56
N CYS A 73 0.27 9.72 -5.92
CA CYS A 73 -0.97 9.62 -5.12
C CYS A 73 -1.64 8.28 -5.39
N VAL A 74 -1.66 7.41 -4.39
CA VAL A 74 -2.14 6.01 -4.53
C VAL A 74 -2.96 5.62 -3.32
N PRO A 75 -3.80 4.56 -3.48
CA PRO A 75 -4.48 4.02 -2.31
C PRO A 75 -3.39 3.51 -1.40
N THR A 76 -3.57 3.80 -0.12
CA THR A 76 -2.72 3.27 0.97
C THR A 76 -3.49 2.38 1.94
N LYS A 77 -4.82 2.36 1.89
CA LYS A 77 -5.60 1.38 2.66
C LYS A 77 -6.78 1.01 1.79
N LEU A 78 -6.98 -0.29 1.63
CA LEU A 78 -8.13 -0.84 0.89
C LEU A 78 -8.97 -1.66 1.88
N GLU A 79 -10.25 -1.74 1.54
CA GLU A 79 -11.26 -2.37 2.36
C GLU A 79 -12.01 -3.39 1.51
N PRO A 80 -12.49 -4.43 2.21
CA PRO A 80 -13.24 -5.49 1.57
C PRO A 80 -14.71 -5.11 1.31
N ILE A 81 -15.26 -5.67 0.21
CA ILE A 81 -16.72 -5.66 0.00
C ILE A 81 -17.28 -7.07 0.04
N SER A 82 -18.59 -7.16 0.15
CA SER A 82 -19.26 -8.46 -0.03
C SER A 82 -19.46 -8.75 -1.51
N ILE A 83 -19.45 -10.04 -1.84
N ILE A 83 -19.26 -10.02 -1.91
CA ILE A 83 -19.52 -10.49 -3.25
CA ILE A 83 -19.60 -10.42 -3.30
C ILE A 83 -20.22 -11.85 -3.30
C ILE A 83 -20.20 -11.83 -3.32
N LEU A 84 -20.92 -12.09 -4.40
CA LEU A 84 -21.30 -13.45 -4.81
C LEU A 84 -20.72 -13.63 -6.21
N TYR A 85 -19.99 -14.74 -6.38
CA TYR A 85 -19.48 -15.01 -7.74
C TYR A 85 -19.56 -16.49 -8.05
N LEU A 86 -19.44 -16.72 -9.36
CA LEU A 86 -19.60 -18.05 -9.89
C LEU A 86 -18.24 -18.52 -10.29
N ASP A 87 -17.95 -19.73 -9.91
CA ASP A 87 -16.66 -20.44 -10.22
C ASP A 87 -17.11 -21.75 -10.86
N LYS A 88 -17.15 -21.83 -12.20
CA LYS A 88 -17.61 -23.01 -12.96
C LYS A 88 -18.90 -23.54 -12.37
N GLY A 89 -19.92 -22.67 -12.31
CA GLY A 89 -21.32 -23.01 -11.98
C GLY A 89 -21.54 -23.10 -10.49
N VAL A 90 -20.50 -22.84 -9.71
CA VAL A 90 -20.65 -22.94 -8.23
C VAL A 90 -20.73 -21.53 -7.65
N VAL A 91 -21.77 -21.25 -6.93
CA VAL A 91 -21.97 -19.93 -6.27
C VAL A 91 -21.13 -19.88 -5.00
N THR A 92 -20.35 -18.84 -4.87
CA THR A 92 -19.43 -18.59 -3.77
C THR A 92 -19.75 -17.23 -3.14
N TYR A 93 -20.14 -17.22 -1.85
CA TYR A 93 -20.35 -16.00 -1.10
C TYR A 93 -19.10 -15.65 -0.30
N LYS A 94 -18.73 -14.39 -0.36
CA LYS A 94 -17.64 -13.87 0.48
C LYS A 94 -18.13 -12.55 1.12
N PHE A 95 -18.27 -12.55 2.44
CA PHE A 95 -18.67 -11.32 3.14
C PHE A 95 -17.56 -10.29 3.01
N LYS A 96 -16.30 -10.74 3.07
CA LYS A 96 -15.16 -9.82 3.01
C LYS A 96 -14.21 -10.22 1.89
N TYR A 97 -14.42 -9.65 0.73
CA TYR A 97 -13.60 -9.83 -0.48
C TYR A 97 -12.62 -8.68 -0.47
N GLU A 98 -11.37 -8.99 -0.16
CA GLU A 98 -10.38 -7.95 0.22
C GLU A 98 -9.88 -7.18 -0.98
N GLY A 99 -9.48 -5.93 -0.71
CA GLY A 99 -8.69 -5.12 -1.67
C GLY A 99 -9.53 -4.32 -2.64
N MET A 100 -10.80 -4.12 -2.35
CA MET A 100 -11.78 -3.65 -3.41
C MET A 100 -12.09 -2.18 -3.36
N ALA A 101 -12.08 -1.56 -2.18
CA ALA A 101 -12.53 -0.15 -1.99
C ALA A 101 -11.43 0.63 -1.28
N VAL A 102 -11.23 1.85 -1.72
CA VAL A 102 -10.23 2.72 -1.10
C VAL A 102 -10.82 3.29 0.19
N SER A 103 -10.08 3.24 1.27
CA SER A 103 -10.41 4.03 2.49
C SER A 103 -9.41 5.14 2.71
N GLU A 104 -8.16 4.94 2.33
CA GLU A 104 -7.15 6.02 2.52
C GLU A 104 -6.28 6.15 1.28
N CYS A 105 -5.88 7.40 1.01
CA CYS A 105 -4.95 7.76 -0.10
C CYS A 105 -3.70 8.31 0.55
N GLY A 106 -2.58 8.12 -0.12
CA GLY A 106 -1.31 8.74 0.34
C GLY A 106 -0.33 8.89 -0.78
N CYS A 107 0.85 9.35 -0.39
CA CYS A 107 1.96 9.63 -1.33
C CYS A 107 3.06 8.56 -1.17
N ARG A 108 3.43 7.88 -2.25
CA ARG A 108 4.41 6.77 -2.22
C ARG A 108 5.42 6.93 -3.35
N GLY B 4 8.26 0.04 -24.52
CA GLY B 4 7.26 -0.22 -23.45
C GLY B 4 7.39 0.75 -22.28
N ASN B 5 8.60 0.81 -21.69
CA ASN B 5 8.89 1.55 -20.44
C ASN B 5 7.87 1.12 -19.38
N TYR B 6 7.80 -0.19 -19.12
CA TYR B 6 6.93 -0.79 -18.09
C TYR B 6 7.51 -0.48 -16.68
N CYS B 7 6.60 -0.41 -15.72
CA CYS B 7 6.88 -0.13 -14.29
C CYS B 7 8.02 -1.03 -13.82
N LYS B 8 9.12 -0.43 -13.33
CA LYS B 8 10.29 -1.21 -12.87
C LYS B 8 11.12 -0.32 -11.95
N ARG B 9 11.98 -0.96 -11.20
CA ARG B 9 12.95 -0.23 -10.37
C ARG B 9 14.08 0.33 -11.25
N THR B 10 14.39 1.60 -11.04
CA THR B 10 15.43 2.34 -11.80
C THR B 10 16.36 3.06 -10.82
N PRO B 11 17.57 3.47 -11.28
CA PRO B 11 18.56 4.07 -10.39
C PRO B 11 18.12 5.44 -9.81
N LEU B 12 18.43 5.71 -8.54
CA LEU B 12 18.29 7.05 -7.94
C LEU B 12 19.28 7.14 -6.78
N TYR B 13 20.35 7.91 -6.99
CA TYR B 13 21.30 8.14 -5.89
C TYR B 13 20.89 9.41 -5.14
N ILE B 14 20.85 9.30 -3.82
CA ILE B 14 20.53 10.46 -2.95
C ILE B 14 21.83 10.92 -2.35
N ASP B 15 22.22 12.15 -2.68
CA ASP B 15 23.35 12.83 -2.00
C ASP B 15 22.73 13.79 -1.00
N PHE B 16 22.98 13.58 0.29
CA PHE B 16 22.30 14.42 1.31
C PHE B 16 22.75 15.87 1.19
N LYS B 17 23.99 16.15 0.77
CA LYS B 17 24.40 17.56 0.60
C LYS B 17 23.56 18.23 -0.48
N GLU B 18 23.18 17.53 -1.54
CA GLU B 18 22.41 18.15 -2.64
C GLU B 18 21.02 18.56 -2.14
N ILE B 19 20.39 17.78 -1.27
CA ILE B 19 19.02 18.12 -0.80
C ILE B 19 19.10 18.97 0.48
N GLY B 20 20.31 19.23 0.99
CA GLY B 20 20.51 20.07 2.18
C GLY B 20 20.30 19.35 3.50
N TRP B 21 20.47 18.05 3.51
CA TRP B 21 20.23 17.22 4.72
C TRP B 21 21.51 16.83 5.43
N ASP B 22 22.66 17.26 4.90
CA ASP B 22 23.99 17.14 5.53
C ASP B 22 24.04 17.91 6.86
N SER B 23 23.15 18.91 7.03
CA SER B 23 22.88 19.68 8.26
C SER B 23 22.51 18.76 9.44
N TRP B 24 21.82 17.65 9.19
CA TRP B 24 21.38 16.74 10.29
C TRP B 24 21.82 15.29 10.07
N ILE B 25 22.06 14.82 8.85
CA ILE B 25 22.57 13.45 8.65
C ILE B 25 24.11 13.48 8.65
N ILE B 26 24.75 12.72 9.56
CA ILE B 26 26.24 12.66 9.72
C ILE B 26 26.82 11.60 8.77
N ALA B 27 26.11 10.47 8.63
CA ALA B 27 26.56 9.32 7.82
C ALA B 27 25.34 8.51 7.45
N PRO B 28 25.26 7.95 6.24
CA PRO B 28 26.30 8.09 5.22
C PRO B 28 26.16 9.41 4.47
N PRO B 29 27.10 9.79 3.58
CA PRO B 29 26.93 11.00 2.77
C PRO B 29 25.82 10.94 1.73
N GLY B 30 25.48 9.72 1.33
CA GLY B 30 24.34 9.46 0.41
C GLY B 30 24.16 7.98 0.25
N TYR B 31 23.16 7.58 -0.55
CA TYR B 31 22.92 6.15 -0.70
C TYR B 31 22.10 5.94 -1.97
N GLU B 32 22.08 4.69 -2.39
CA GLU B 32 21.24 4.26 -3.54
C GLU B 32 19.81 4.00 -3.04
N ALA B 33 18.90 4.94 -3.29
CA ALA B 33 17.50 4.85 -2.88
C ALA B 33 16.66 4.08 -3.91
N TYR B 34 17.04 4.18 -5.18
CA TYR B 34 16.29 3.70 -6.36
C TYR B 34 14.95 4.47 -6.47
N GLU B 35 14.27 4.24 -7.58
CA GLU B 35 12.88 4.73 -7.73
C GLU B 35 12.15 3.79 -8.67
N CYS B 36 10.83 3.92 -8.67
CA CYS B 36 9.93 3.13 -9.52
C CYS B 36 9.48 4.04 -10.67
N ARG B 37 9.74 3.63 -11.90
CA ARG B 37 9.36 4.44 -13.08
C ARG B 37 8.76 3.52 -14.15
N GLY B 38 7.80 4.07 -14.88
CA GLY B 38 7.23 3.37 -16.05
C GLY B 38 5.75 3.21 -15.89
N VAL B 39 5.15 2.61 -16.91
CA VAL B 39 3.68 2.58 -16.99
C VAL B 39 3.13 1.25 -16.45
N CYS B 40 1.91 1.33 -15.92
CA CYS B 40 1.10 0.18 -15.52
C CYS B 40 -0.02 -0.01 -16.55
N ASN B 41 0.18 -0.97 -17.46
CA ASN B 41 -0.78 -1.28 -18.55
C ASN B 41 -1.66 -2.47 -18.19
N TYR B 42 -2.94 -2.32 -18.46
CA TYR B 42 -3.88 -3.45 -18.32
C TYR B 42 -3.62 -4.42 -19.46
N PRO B 43 -3.67 -5.74 -19.22
CA PRO B 43 -3.83 -6.35 -17.89
C PRO B 43 -2.59 -6.22 -17.01
N LEU B 44 -2.76 -5.92 -15.71
CA LEU B 44 -1.59 -5.60 -14.90
C LEU B 44 -0.80 -6.89 -14.57
N ALA B 45 0.47 -6.91 -14.91
CA ALA B 45 1.32 -8.11 -14.81
C ALA B 45 1.37 -8.60 -13.35
N GLU B 46 1.40 -9.91 -13.15
CA GLU B 46 1.44 -10.53 -11.78
C GLU B 46 2.66 -9.99 -10.99
N HIS B 47 3.81 -9.84 -11.65
CA HIS B 47 5.04 -9.40 -10.94
C HIS B 47 4.89 -7.97 -10.42
N LEU B 48 3.88 -7.21 -10.86
CA LEU B 48 3.62 -5.85 -10.35
C LEU B 48 2.67 -5.90 -9.11
N THR B 49 2.38 -7.11 -8.61
CA THR B 49 1.56 -7.43 -7.42
C THR B 49 0.33 -6.54 -7.37
N PRO B 50 -0.43 -6.41 -8.47
CA PRO B 50 -1.55 -5.47 -8.46
C PRO B 50 -2.56 -5.90 -7.37
N THR B 51 -3.18 -4.89 -6.82
CA THR B 51 -4.30 -5.06 -5.88
C THR B 51 -5.56 -5.26 -6.77
N LYS B 52 -6.61 -5.79 -6.17
CA LYS B 52 -7.87 -5.96 -6.93
C LYS B 52 -8.34 -4.54 -7.36
N HIS B 53 -8.19 -3.55 -6.48
CA HIS B 53 -8.62 -2.15 -6.79
C HIS B 53 -7.85 -1.63 -8.03
N ALA B 54 -6.52 -1.87 -8.07
CA ALA B 54 -5.67 -1.38 -9.17
C ALA B 54 -6.18 -2.01 -10.50
N ILE B 55 -6.43 -3.32 -10.47
CA ILE B 55 -6.94 -4.00 -11.67
C ILE B 55 -8.23 -3.34 -12.18
N ILE B 56 -9.16 -3.15 -11.26
CA ILE B 56 -10.48 -2.59 -11.65
C ILE B 56 -10.32 -1.13 -12.13
N GLN B 57 -9.51 -0.37 -11.42
CA GLN B 57 -9.29 1.05 -11.81
C GLN B 57 -8.66 1.08 -13.21
N ALA B 58 -7.65 0.24 -13.45
CA ALA B 58 -6.94 0.18 -14.75
C ALA B 58 -7.89 -0.10 -15.89
N LEU B 59 -8.83 -0.99 -15.63
CA LEU B 59 -9.83 -1.33 -16.65
C LEU B 59 -10.77 -0.14 -16.88
N VAL B 60 -11.20 0.52 -15.82
CA VAL B 60 -12.07 1.72 -16.00
C VAL B 60 -11.31 2.78 -16.82
N HIS B 61 -10.05 3.02 -16.49
CA HIS B 61 -9.22 4.03 -17.20
C HIS B 61 -9.12 3.71 -18.69
N LEU B 62 -8.96 2.44 -19.02
CA LEU B 62 -8.86 2.03 -20.45
C LEU B 62 -10.16 2.43 -21.18
N LYS B 63 -11.30 2.17 -20.50
CA LYS B 63 -12.61 2.45 -21.14
C LYS B 63 -12.87 3.97 -21.21
N ASN B 64 -12.52 4.70 -20.19
CA ASN B 64 -12.87 6.12 -20.04
C ASN B 64 -11.80 6.80 -19.18
N SER B 65 -10.84 7.42 -19.83
CA SER B 65 -9.67 7.97 -19.11
C SER B 65 -10.12 9.13 -18.19
N GLN B 66 -11.32 9.70 -18.38
CA GLN B 66 -11.81 10.78 -17.50
C GLN B 66 -12.39 10.19 -16.22
N LYS B 67 -12.85 8.94 -16.23
CA LYS B 67 -13.52 8.35 -15.03
C LYS B 67 -12.46 7.92 -14.02
N ALA B 68 -11.29 7.52 -14.51
CA ALA B 68 -10.27 6.94 -13.61
C ALA B 68 -8.89 7.13 -14.21
N SER B 69 -7.93 7.25 -13.32
CA SER B 69 -6.48 7.41 -13.59
C SER B 69 -5.89 6.03 -13.84
N LYS B 70 -4.82 5.96 -14.61
CA LYS B 70 -4.02 4.70 -14.66
C LYS B 70 -3.63 4.32 -13.21
N ALA B 71 -3.40 3.04 -13.01
CA ALA B 71 -2.70 2.56 -11.83
C ALA B 71 -1.29 3.15 -11.86
N CYS B 72 -0.72 3.42 -10.69
CA CYS B 72 0.58 4.13 -10.57
CA CYS B 72 0.60 4.13 -10.56
C CYS B 72 1.71 3.16 -10.23
N CYS B 73 2.87 3.40 -10.85
CA CYS B 73 4.08 2.61 -10.53
C CYS B 73 4.75 3.20 -9.28
N VAL B 74 4.72 2.46 -8.17
CA VAL B 74 5.23 2.94 -6.85
C VAL B 74 6.02 1.85 -6.13
N PRO B 75 6.87 2.24 -5.15
CA PRO B 75 7.56 1.27 -4.36
C PRO B 75 6.50 0.47 -3.59
N THR B 76 6.69 -0.84 -3.60
CA THR B 76 5.84 -1.80 -2.86
C THR B 76 6.63 -2.55 -1.80
N LYS B 77 7.95 -2.45 -1.78
CA LYS B 77 8.73 -2.97 -0.64
C LYS B 77 9.92 -2.01 -0.49
N LEU B 78 10.15 -1.54 0.70
CA LEU B 78 11.29 -0.65 1.04
C LEU B 78 12.21 -1.37 2.03
N GLU B 79 13.49 -1.02 1.98
CA GLU B 79 14.52 -1.61 2.81
C GLU B 79 15.16 -0.49 3.64
N PRO B 80 15.70 -0.87 4.83
CA PRO B 80 16.37 0.06 5.70
C PRO B 80 17.82 0.32 5.26
N ILE B 81 18.39 1.43 5.75
CA ILE B 81 19.86 1.61 5.73
C ILE B 81 20.32 1.85 7.17
N SER B 82 21.63 1.78 7.40
CA SER B 82 22.19 2.29 8.68
C SER B 82 22.37 3.82 8.56
N ILE B 83 22.21 4.54 9.66
CA ILE B 83 22.28 6.04 9.64
C ILE B 83 22.81 6.53 10.98
N LEU B 84 23.52 7.64 10.92
CA LEU B 84 23.92 8.47 12.08
C LEU B 84 23.39 9.86 11.83
N TYR B 85 22.57 10.38 12.72
CA TYR B 85 21.93 11.69 12.48
C TYR B 85 21.73 12.40 13.80
N LEU B 86 21.43 13.69 13.70
CA LEU B 86 21.17 14.56 14.87
C LEU B 86 19.65 14.63 15.06
N ASP B 87 19.21 14.34 16.28
CA ASP B 87 17.79 14.33 16.73
C ASP B 87 17.74 15.29 17.93
N LYS B 88 17.30 16.53 17.70
CA LYS B 88 17.37 17.65 18.70
C LYS B 88 18.78 17.68 19.30
N GLY B 89 19.81 17.72 18.46
CA GLY B 89 21.22 17.94 18.83
C GLY B 89 21.87 16.68 19.37
N VAL B 90 21.15 15.56 19.45
CA VAL B 90 21.71 14.30 20.00
C VAL B 90 22.13 13.41 18.83
N VAL B 91 23.37 12.93 18.85
CA VAL B 91 23.86 11.98 17.81
C VAL B 91 23.18 10.64 18.04
N THR B 92 22.52 10.16 16.98
CA THR B 92 21.58 9.03 17.06
C THR B 92 21.96 8.02 16.01
N TYR B 93 22.15 6.78 16.46
CA TYR B 93 22.49 5.66 15.57
C TYR B 93 21.25 4.81 15.35
N LYS B 94 20.99 4.45 14.09
CA LYS B 94 20.01 3.39 13.79
C LYS B 94 20.63 2.42 12.81
N PHE B 95 20.73 1.15 13.22
CA PHE B 95 21.28 0.10 12.35
C PHE B 95 20.33 -0.11 11.19
N LYS B 96 19.03 -0.14 11.48
CA LYS B 96 17.99 -0.39 10.45
C LYS B 96 17.00 0.76 10.49
N TYR B 97 17.29 1.80 9.75
CA TYR B 97 16.40 2.97 9.55
C TYR B 97 15.49 2.65 8.38
N GLU B 98 14.23 2.34 8.68
CA GLU B 98 13.33 1.67 7.72
C GLU B 98 12.83 2.68 6.69
N GLY B 99 12.45 2.15 5.52
CA GLY B 99 11.68 2.90 4.53
C GLY B 99 12.51 3.67 3.54
N MET B 100 13.80 3.36 3.45
CA MET B 100 14.76 4.25 2.75
C MET B 100 15.03 3.86 1.30
N ALA B 101 15.12 2.57 0.98
CA ALA B 101 15.58 2.07 -0.33
C ALA B 101 14.51 1.16 -0.95
N VAL B 102 14.29 1.31 -2.24
CA VAL B 102 13.27 0.49 -2.95
C VAL B 102 13.87 -0.91 -3.17
N SER B 103 13.16 -1.96 -2.80
CA SER B 103 13.51 -3.33 -3.27
C SER B 103 12.51 -3.85 -4.28
N GLU B 104 11.27 -3.39 -4.24
CA GLU B 104 10.26 -3.89 -5.21
C GLU B 104 9.36 -2.74 -5.63
N CYS B 105 8.91 -2.82 -6.88
CA CYS B 105 8.00 -1.80 -7.49
C CYS B 105 6.73 -2.56 -7.86
N GLY B 106 5.60 -1.88 -7.86
CA GLY B 106 4.35 -2.47 -8.34
C GLY B 106 3.37 -1.38 -8.75
N CYS B 107 2.21 -1.85 -9.15
CA CYS B 107 1.09 -1.04 -9.67
C CYS B 107 0.01 -0.93 -8.57
N ARG B 108 -0.38 0.30 -8.20
CA ARG B 108 -1.33 0.55 -7.08
C ARG B 108 -2.40 1.56 -7.49
N GLY C 1 -30.23 -2.16 16.41
CA GLY C 1 -30.99 -0.90 16.10
C GLY C 1 -30.17 0.09 15.25
N SER C 2 -30.72 1.28 15.10
CA SER C 2 -30.15 2.36 14.25
C SER C 2 -28.92 2.93 14.94
N GLN C 3 -28.99 3.18 16.26
CA GLN C 3 -27.83 3.75 16.98
C GLN C 3 -26.66 2.76 16.88
N ASN C 4 -26.90 1.46 17.09
CA ASN C 4 -25.76 0.54 17.14
C ASN C 4 -25.50 -0.20 15.84
N GLN C 5 -26.28 0.09 14.78
N GLN C 5 -26.23 0.17 14.78
CA GLN C 5 -25.97 -0.41 13.43
CA GLN C 5 -26.13 -0.38 13.40
C GLN C 5 -26.10 -1.95 13.41
C GLN C 5 -26.12 -1.91 13.40
N GLU C 6 -27.08 -2.52 14.12
CA GLU C 6 -27.32 -3.96 14.12
C GLU C 6 -28.71 -4.16 13.52
N ARG C 7 -28.87 -5.18 12.69
CA ARG C 7 -30.21 -5.61 12.21
C ARG C 7 -30.26 -7.10 12.03
N LEU C 8 -31.47 -7.59 12.18
CA LEU C 8 -31.72 -9.02 12.07
C LEU C 8 -32.12 -9.30 10.63
N CYS C 9 -31.53 -10.33 10.07
CA CYS C 9 -31.78 -10.75 8.66
C CYS C 9 -32.16 -12.23 8.59
N ALA C 10 -32.96 -12.61 7.61
CA ALA C 10 -33.13 -14.05 7.32
C ALA C 10 -31.78 -14.68 6.93
N PHE C 11 -31.59 -15.97 7.25
CA PHE C 11 -30.29 -16.62 7.03
C PHE C 11 -30.49 -18.00 6.42
N LYS C 12 -29.70 -18.25 5.36
CA LYS C 12 -29.59 -19.57 4.71
C LYS C 12 -28.19 -19.69 4.11
N ASP C 13 -27.36 -20.55 4.69
CA ASP C 13 -25.96 -20.77 4.23
C ASP C 13 -25.44 -21.85 5.17
N PRO C 14 -25.96 -23.09 5.04
CA PRO C 14 -25.59 -24.17 5.96
C PRO C 14 -24.08 -24.48 5.81
N ARG C 25 -17.92 -15.39 16.70
CA ARG C 25 -18.54 -14.16 17.24
C ARG C 25 -20.09 -14.19 17.09
N ILE C 26 -20.75 -14.25 15.90
CA ILE C 26 -22.24 -14.21 15.78
C ILE C 26 -22.82 -15.56 15.29
N SER C 27 -23.83 -16.10 15.96
CA SER C 27 -24.53 -17.36 15.61
C SER C 27 -25.74 -17.06 14.69
N HIS C 28 -26.26 -18.11 14.03
CA HIS C 28 -27.31 -17.99 13.00
C HIS C 28 -28.30 -19.14 13.20
N GLU C 29 -28.78 -19.33 14.45
CA GLU C 29 -29.77 -20.37 14.82
C GLU C 29 -31.13 -19.97 14.25
N ASN C 30 -32.04 -20.93 14.00
CA ASN C 30 -33.50 -20.66 13.75
C ASN C 30 -33.69 -19.64 12.59
N GLY C 31 -32.87 -19.80 11.56
CA GLY C 31 -33.06 -19.18 10.27
C GLY C 31 -32.92 -17.66 10.28
N THR C 32 -32.18 -17.07 11.24
CA THR C 32 -31.83 -15.64 11.24
C THR C 32 -30.36 -15.45 11.59
N ILE C 33 -29.88 -14.25 11.29
CA ILE C 33 -28.50 -13.88 11.60
C ILE C 33 -28.53 -12.43 11.99
N LEU C 34 -27.61 -12.07 12.90
CA LEU C 34 -27.43 -10.63 13.22
C LEU C 34 -26.41 -10.06 12.27
N CYS C 35 -26.73 -8.92 11.71
CA CYS C 35 -25.87 -8.20 10.76
C CYS C 35 -25.47 -6.92 11.46
N SER C 36 -24.17 -6.79 11.74
CA SER C 36 -23.65 -5.63 12.49
C SER C 36 -22.89 -4.66 11.57
N LYS C 37 -22.36 -3.58 12.17
CA LYS C 37 -21.51 -2.56 11.45
C LYS C 37 -22.26 -2.06 10.21
N GLY C 38 -23.58 -1.97 10.31
CA GLY C 38 -24.37 -1.35 9.23
C GLY C 38 -24.57 -2.23 8.00
N SER C 39 -24.18 -3.49 8.07
N SER C 39 -24.18 -3.49 8.09
N SER C 39 -24.20 -3.50 8.12
CA SER C 39 -24.40 -4.47 7.01
CA SER C 39 -24.46 -4.53 7.09
CA SER C 39 -24.47 -4.53 7.09
C SER C 39 -25.92 -4.66 6.82
C SER C 39 -25.98 -4.58 6.82
C SER C 39 -25.96 -4.59 6.81
N THR C 40 -26.32 -4.80 5.55
CA THR C 40 -27.69 -4.97 5.11
C THR C 40 -28.00 -6.45 5.03
N CYS C 41 -29.29 -6.72 4.89
CA CYS C 41 -29.74 -8.08 4.59
C CYS C 41 -29.68 -8.34 3.09
N TYR C 42 -29.43 -9.59 2.71
CA TYR C 42 -29.47 -9.94 1.28
C TYR C 42 -30.14 -11.33 1.11
N GLY C 43 -30.69 -11.47 -0.08
CA GLY C 43 -31.08 -12.75 -0.59
C GLY C 43 -30.61 -12.96 -2.00
N LEU C 44 -30.41 -14.24 -2.32
CA LEU C 44 -30.14 -14.66 -3.70
C LEU C 44 -31.09 -15.82 -3.99
N TRP C 45 -31.92 -15.61 -5.02
CA TRP C 45 -32.80 -16.67 -5.54
C TRP C 45 -32.39 -16.94 -6.98
N GLU C 46 -32.90 -18.05 -7.50
CA GLU C 46 -32.83 -18.33 -8.93
C GLU C 46 -34.29 -18.63 -9.36
N LYS C 47 -34.74 -17.95 -10.41
CA LYS C 47 -36.13 -17.97 -10.83
C LYS C 47 -36.20 -18.20 -12.33
N SER C 48 -37.08 -19.11 -12.75
CA SER C 48 -37.42 -19.35 -14.15
C SER C 48 -38.94 -19.55 -14.20
N LYS C 49 -39.67 -18.53 -14.65
CA LYS C 49 -41.13 -18.58 -14.76
C LYS C 49 -41.64 -18.88 -13.34
N GLY C 50 -42.45 -19.93 -13.16
CA GLY C 50 -43.03 -20.22 -11.85
C GLY C 50 -42.10 -20.96 -10.92
N ASP C 51 -40.93 -21.37 -11.40
CA ASP C 51 -39.92 -22.11 -10.61
C ASP C 51 -39.03 -21.13 -9.83
N ILE C 52 -39.05 -21.22 -8.49
N ILE C 52 -38.96 -21.32 -8.51
CA ILE C 52 -38.16 -20.34 -7.66
CA ILE C 52 -38.16 -20.37 -7.69
C ILE C 52 -37.42 -21.19 -6.63
C ILE C 52 -37.43 -21.14 -6.58
N ASN C 53 -36.12 -20.96 -6.51
CA ASN C 53 -35.29 -21.59 -5.49
C ASN C 53 -34.53 -20.53 -4.73
N LEU C 54 -34.56 -20.62 -3.39
CA LEU C 54 -33.75 -19.75 -2.55
C LEU C 54 -32.33 -20.36 -2.47
N VAL C 55 -31.33 -19.58 -2.85
CA VAL C 55 -29.92 -20.06 -2.91
C VAL C 55 -29.19 -19.70 -1.60
N LYS C 56 -29.21 -18.45 -1.24
CA LYS C 56 -28.48 -17.95 -0.05
C LYS C 56 -29.17 -16.74 0.50
N GLN C 57 -28.98 -16.52 1.81
CA GLN C 57 -29.43 -15.32 2.50
C GLN C 57 -28.48 -15.01 3.64
N GLY C 58 -28.30 -13.74 3.92
CA GLY C 58 -27.54 -13.41 5.13
C GLY C 58 -27.23 -11.93 5.15
N CYS C 59 -25.98 -11.62 5.52
CA CYS C 59 -25.52 -10.21 5.66
C CYS C 59 -24.69 -9.75 4.43
N TRP C 60 -24.78 -8.43 4.17
CA TRP C 60 -24.06 -7.80 3.06
C TRP C 60 -23.34 -6.58 3.65
N SER C 61 -22.01 -6.56 3.54
CA SER C 61 -21.25 -5.44 4.11
C SER C 61 -21.72 -4.09 3.57
N HIS C 62 -21.70 -3.08 4.43
N HIS C 62 -21.64 -3.08 4.41
CA HIS C 62 -21.95 -1.67 4.03
CA HIS C 62 -21.93 -1.68 4.02
C HIS C 62 -20.76 -1.17 3.18
C HIS C 62 -20.75 -1.11 3.26
N ILE C 63 -19.58 -1.76 3.31
N ILE C 63 -19.59 -1.76 3.28
CA ILE C 63 -18.39 -1.22 2.63
CA ILE C 63 -18.41 -1.16 2.65
C ILE C 63 -18.61 -1.25 1.11
C ILE C 63 -18.60 -1.24 1.13
N GLY C 64 -18.39 -0.13 0.42
CA GLY C 64 -18.69 -0.09 -1.01
C GLY C 64 -20.09 0.41 -1.27
N ASP C 65 -20.88 0.53 -0.22
CA ASP C 65 -22.23 1.13 -0.19
C ASP C 65 -22.97 0.84 -1.50
N PRO C 66 -23.20 -0.44 -1.83
CA PRO C 66 -23.89 -0.74 -3.09
C PRO C 66 -25.28 -0.05 -3.15
N GLN C 67 -25.65 0.41 -4.33
CA GLN C 67 -26.85 1.23 -4.55
C GLN C 67 -28.10 0.52 -4.06
N GLU C 68 -28.33 -0.72 -4.50
CA GLU C 68 -29.71 -1.21 -4.28
C GLU C 68 -29.84 -1.65 -2.82
N CYS C 69 -28.78 -1.65 -2.02
CA CYS C 69 -28.98 -2.03 -0.59
C CYS C 69 -29.61 -0.90 0.24
N HIS C 70 -29.88 0.22 -0.40
CA HIS C 70 -30.64 1.30 0.25
C HIS C 70 -32.14 1.07 0.27
N TYR C 71 -32.64 0.08 -0.47
CA TYR C 71 -34.09 -0.17 -0.42
C TYR C 71 -34.44 -0.70 0.96
N GLU C 72 -35.57 -0.29 1.46
CA GLU C 72 -36.07 -0.82 2.77
C GLU C 72 -36.56 -2.27 2.59
N GLU C 73 -37.10 -2.55 1.38
CA GLU C 73 -37.59 -3.89 1.00
C GLU C 73 -36.60 -4.52 0.01
N CYS C 74 -36.62 -5.85 -0.10
CA CYS C 74 -35.68 -6.54 -1.02
C CYS C 74 -36.20 -6.42 -2.46
N VAL C 75 -35.59 -5.52 -3.24
N VAL C 75 -35.65 -5.53 -3.27
CA VAL C 75 -36.09 -5.19 -4.61
CA VAL C 75 -36.22 -5.36 -4.63
C VAL C 75 -34.96 -5.39 -5.60
C VAL C 75 -35.09 -5.31 -5.64
N VAL C 76 -35.18 -6.21 -6.62
CA VAL C 76 -34.16 -6.37 -7.68
C VAL C 76 -34.36 -5.23 -8.71
N THR C 77 -33.46 -4.27 -8.70
CA THR C 77 -33.58 -3.08 -9.60
C THR C 77 -32.60 -3.08 -10.75
N THR C 78 -31.66 -4.00 -10.79
CA THR C 78 -30.76 -4.08 -11.95
C THR C 78 -31.24 -5.33 -12.75
N THR C 79 -31.25 -5.24 -14.08
CA THR C 79 -31.54 -6.37 -14.96
C THR C 79 -30.64 -7.54 -14.54
N PRO C 80 -31.19 -8.74 -14.33
CA PRO C 80 -30.36 -9.89 -13.95
C PRO C 80 -29.17 -10.09 -14.86
N PRO C 81 -28.05 -10.60 -14.29
CA PRO C 81 -26.93 -11.04 -15.14
C PRO C 81 -27.44 -12.06 -16.21
N SER C 82 -26.90 -12.02 -17.43
N SER C 82 -26.85 -12.12 -17.40
CA SER C 82 -27.21 -12.98 -18.52
CA SER C 82 -27.29 -13.07 -18.47
C SER C 82 -26.89 -14.43 -18.11
C SER C 82 -26.90 -14.50 -18.06
N ILE C 83 -25.94 -14.66 -17.20
N ILE C 83 -25.97 -14.67 -17.14
CA ILE C 83 -25.48 -16.04 -16.81
CA ILE C 83 -25.51 -16.04 -16.83
C ILE C 83 -26.66 -16.87 -16.26
C ILE C 83 -26.65 -16.88 -16.23
N GLN C 84 -26.56 -18.18 -16.44
CA GLN C 84 -27.64 -19.08 -15.98
C GLN C 84 -28.99 -18.57 -16.53
N ASN C 85 -29.02 -18.20 -17.82
CA ASN C 85 -30.31 -17.88 -18.50
C ASN C 85 -31.03 -16.74 -17.79
N GLY C 86 -30.33 -15.81 -17.16
CA GLY C 86 -30.95 -14.61 -16.57
C GLY C 86 -31.82 -14.95 -15.34
N THR C 87 -31.53 -16.07 -14.67
CA THR C 87 -32.35 -16.58 -13.58
C THR C 87 -32.00 -16.00 -12.19
N TYR C 88 -30.84 -15.36 -12.01
CA TYR C 88 -30.49 -14.94 -10.66
C TYR C 88 -31.33 -13.74 -10.27
N ARG C 89 -31.67 -13.71 -8.97
CA ARG C 89 -32.37 -12.57 -8.36
C ARG C 89 -31.68 -12.25 -7.03
N PHE C 90 -30.83 -11.22 -7.06
CA PHE C 90 -30.16 -10.73 -5.85
C PHE C 90 -30.80 -9.46 -5.41
N CYS C 91 -31.04 -9.33 -4.09
CA CYS C 91 -31.39 -8.02 -3.56
C CYS C 91 -30.86 -7.87 -2.15
N CYS C 92 -30.69 -6.63 -1.76
CA CYS C 92 -30.25 -6.34 -0.39
C CYS C 92 -31.04 -5.16 0.14
N CYS C 93 -31.16 -5.06 1.44
CA CYS C 93 -32.19 -4.18 2.00
C CYS C 93 -31.89 -3.84 3.46
N SER C 94 -32.49 -2.76 3.91
N SER C 94 -32.50 -2.74 3.90
CA SER C 94 -32.05 -2.05 5.14
CA SER C 94 -32.12 -1.96 5.10
C SER C 94 -33.05 -2.10 6.28
C SER C 94 -33.22 -1.95 6.17
N THR C 95 -34.04 -3.00 6.23
CA THR C 95 -34.94 -3.21 7.39
C THR C 95 -34.90 -4.65 7.90
N ASP C 96 -35.22 -4.83 9.18
CA ASP C 96 -35.17 -6.18 9.76
C ASP C 96 -36.00 -7.17 8.91
N LEU C 97 -35.40 -8.32 8.66
CA LEU C 97 -36.08 -9.50 8.04
C LEU C 97 -36.60 -9.10 6.65
N CYS C 98 -36.02 -8.10 6.01
CA CYS C 98 -36.47 -7.61 4.71
C CYS C 98 -36.16 -8.59 3.60
N ASN C 99 -35.24 -9.50 3.85
CA ASN C 99 -34.75 -10.43 2.82
C ASN C 99 -35.48 -11.77 2.82
N VAL C 100 -36.65 -11.84 3.43
CA VAL C 100 -37.49 -13.08 3.40
C VAL C 100 -38.07 -13.32 2.00
N ASN C 101 -38.38 -12.23 1.30
CA ASN C 101 -39.01 -12.26 -0.04
C ASN C 101 -38.37 -11.15 -0.88
N PHE C 102 -38.52 -11.27 -2.19
CA PHE C 102 -38.11 -10.20 -3.12
C PHE C 102 -39.23 -9.80 -4.05
N THR C 103 -39.06 -8.64 -4.62
CA THR C 103 -39.90 -8.15 -5.74
C THR C 103 -38.93 -7.68 -6.83
N GLU C 104 -39.44 -7.53 -8.03
CA GLU C 104 -38.65 -7.11 -9.21
C GLU C 104 -39.09 -5.71 -9.66
N ASN C 105 -38.11 -4.87 -9.94
CA ASN C 105 -38.47 -3.56 -10.56
C ASN C 105 -37.33 -3.12 -11.46
N PHE C 106 -37.06 -3.91 -12.47
CA PHE C 106 -35.79 -3.69 -13.19
C PHE C 106 -36.22 -3.20 -14.56
N PRO C 107 -35.35 -2.49 -15.27
CA PRO C 107 -35.78 -1.78 -16.48
C PRO C 107 -36.07 -2.74 -17.61
N PRO C 108 -36.78 -2.27 -18.66
CA PRO C 108 -36.93 -3.01 -19.92
C PRO C 108 -35.68 -2.64 -20.77
N PRO C 109 -35.30 -3.54 -21.74
CA PRO C 109 -34.18 -3.26 -22.65
C PRO C 109 -34.48 -1.92 -23.36
N ASP C 110 -33.48 -1.15 -23.81
CA ASP C 110 -33.72 0.26 -24.23
C ASP C 110 -34.35 0.27 -25.63
N THR C 111 -34.61 1.47 -26.18
CA THR C 111 -35.23 1.65 -27.52
C THR C 111 -34.12 1.94 -28.54
N THR C 112 -34.10 1.11 -29.57
CA THR C 112 -33.16 1.34 -30.67
C THR C 112 -34.02 1.55 -31.90
N PRO C 113 -33.39 2.06 -32.95
CA PRO C 113 -34.05 2.20 -34.24
C PRO C 113 -34.66 0.89 -34.78
N LEU C 114 -34.18 -0.28 -34.34
CA LEU C 114 -34.64 -1.59 -34.80
C LEU C 114 -35.70 -2.17 -33.85
N SER C 115 -35.78 -1.63 -32.62
CA SER C 115 -36.88 -1.77 -31.60
C SER C 115 -36.32 -1.90 -30.17
N ASN D 4 28.32 -15.89 4.63
CA ASN D 4 28.99 -14.58 4.72
C ASN D 4 29.59 -14.44 6.13
N GLN D 5 30.51 -13.49 6.32
CA GLN D 5 31.37 -13.38 7.51
C GLN D 5 30.56 -12.67 8.62
N GLU D 6 30.84 -12.99 9.88
CA GLU D 6 30.38 -12.18 11.05
C GLU D 6 31.58 -11.41 11.60
N ARG D 7 31.63 -10.11 11.35
CA ARG D 7 32.73 -9.23 11.81
C ARG D 7 32.66 -9.15 13.34
N LEU D 8 33.82 -9.25 14.01
CA LEU D 8 33.94 -8.65 15.35
C LEU D 8 34.33 -7.20 15.16
N CYS D 9 33.63 -6.29 15.82
CA CYS D 9 33.83 -4.83 15.66
C CYS D 9 34.02 -4.21 17.05
N ALA D 10 34.74 -3.10 17.13
CA ALA D 10 34.72 -2.27 18.35
C ALA D 10 33.28 -1.78 18.55
N PHE D 11 32.88 -1.65 19.81
CA PHE D 11 31.52 -1.23 20.19
C PHE D 11 31.60 -0.11 21.22
N LYS D 12 30.86 0.96 20.96
CA LYS D 12 30.67 2.09 21.89
C LYS D 12 29.31 2.72 21.59
N ASP D 13 28.40 2.71 22.56
CA ASP D 13 27.17 3.54 22.47
C ASP D 13 26.55 3.62 23.85
N PRO D 14 26.84 4.72 24.62
CA PRO D 14 26.29 4.88 25.95
C PRO D 14 24.76 4.92 25.96
N TYR D 15 24.13 5.18 24.80
CA TYR D 15 22.64 5.19 24.64
C TYR D 15 22.15 4.02 23.77
N GLN D 16 22.70 2.83 23.97
CA GLN D 16 22.33 1.59 23.22
C GLN D 16 20.83 1.30 23.45
N ARG D 25 26.26 -10.63 19.67
CA ARG D 25 26.08 -10.05 21.03
C ARG D 25 27.23 -9.07 21.35
N ILE D 26 27.07 -8.31 22.43
CA ILE D 26 27.98 -7.23 22.89
C ILE D 26 28.78 -7.70 24.12
N SER D 27 30.10 -7.61 24.03
CA SER D 27 31.05 -7.76 25.17
C SER D 27 31.39 -6.36 25.68
N HIS D 28 30.72 -5.90 26.73
CA HIS D 28 31.03 -4.61 27.42
C HIS D 28 32.44 -4.69 28.00
N GLU D 29 32.83 -5.86 28.53
CA GLU D 29 34.18 -6.15 29.09
C GLU D 29 35.26 -5.87 28.02
N ASN D 30 35.04 -6.32 26.77
CA ASN D 30 36.03 -6.12 25.67
C ASN D 30 35.66 -4.91 24.82
N GLY D 31 34.48 -4.31 25.00
CA GLY D 31 34.00 -3.21 24.13
C GLY D 31 33.93 -3.67 22.70
N THR D 32 33.28 -4.81 22.47
CA THR D 32 33.11 -5.40 21.12
C THR D 32 31.64 -5.75 20.86
N ILE D 33 31.34 -5.90 19.58
CA ILE D 33 30.04 -6.42 19.11
C ILE D 33 30.34 -7.38 17.97
N LEU D 34 29.69 -8.54 18.00
CA LEU D 34 29.73 -9.49 16.87
C LEU D 34 28.57 -9.12 15.93
N CYS D 35 28.88 -8.73 14.70
CA CYS D 35 27.89 -8.17 13.75
C CYS D 35 27.27 -9.32 12.94
N SER D 36 26.09 -9.07 12.38
CA SER D 36 25.40 -10.05 11.53
C SER D 36 26.09 -10.13 10.15
N LYS D 37 25.86 -11.24 9.44
CA LYS D 37 26.44 -11.50 8.10
C LYS D 37 26.21 -10.28 7.19
N GLY D 38 27.25 -9.87 6.49
CA GLY D 38 27.19 -8.74 5.54
C GLY D 38 27.61 -7.44 6.19
N SER D 39 27.28 -7.25 7.47
CA SER D 39 27.49 -5.94 8.15
C SER D 39 28.99 -5.67 8.24
N THR D 40 29.38 -4.41 8.12
CA THR D 40 30.76 -3.93 8.31
C THR D 40 30.87 -3.31 9.70
N CYS D 41 32.08 -2.95 10.10
CA CYS D 41 32.34 -2.16 11.32
C CYS D 41 32.27 -0.67 10.95
N TYR D 42 31.87 0.18 11.90
CA TYR D 42 31.96 1.65 11.74
C TYR D 42 32.50 2.26 13.04
N GLY D 43 33.03 3.46 12.84
CA GLY D 43 33.34 4.35 13.96
C GLY D 43 33.01 5.77 13.64
N LEU D 44 32.68 6.50 14.69
CA LEU D 44 32.34 7.93 14.62
C LEU D 44 33.13 8.64 15.71
N TRP D 45 33.95 9.59 15.25
CA TRP D 45 34.73 10.49 16.14
C TRP D 45 34.31 11.94 15.84
N GLU D 46 34.64 12.85 16.75
CA GLU D 46 34.38 14.29 16.56
C GLU D 46 35.69 15.03 16.81
N LYS D 47 36.24 15.71 15.79
CA LYS D 47 37.46 16.56 15.94
C LYS D 47 36.99 17.98 16.27
N SER D 48 36.97 18.33 17.56
CA SER D 48 36.37 19.58 18.08
C SER D 48 37.37 20.28 19.03
N LYS D 49 37.65 21.56 18.78
CA LYS D 49 38.45 22.41 19.70
C LYS D 49 39.80 21.72 20.00
N GLY D 50 40.45 21.19 18.95
CA GLY D 50 41.79 20.58 19.02
C GLY D 50 41.82 19.26 19.77
N ASP D 51 40.68 18.57 19.83
CA ASP D 51 40.53 17.28 20.55
C ASP D 51 39.95 16.29 19.55
N ILE D 52 40.27 15.01 19.64
CA ILE D 52 39.51 13.96 18.91
C ILE D 52 38.81 13.06 19.93
N ASN D 53 37.47 13.03 19.88
CA ASN D 53 36.66 12.30 20.88
C ASN D 53 35.87 11.19 20.17
N LEU D 54 35.88 10.00 20.77
CA LEU D 54 35.10 8.86 20.26
C LEU D 54 33.63 9.07 20.61
N VAL D 55 32.74 9.00 19.61
CA VAL D 55 31.29 9.20 19.81
C VAL D 55 30.61 7.83 19.82
N LYS D 56 30.79 7.05 18.75
CA LYS D 56 30.17 5.71 18.66
C LYS D 56 30.99 4.77 17.80
N GLN D 57 30.83 3.49 18.03
CA GLN D 57 31.38 2.38 17.23
C GLN D 57 30.39 1.22 17.21
N GLY D 58 30.40 0.45 16.13
CA GLY D 58 29.57 -0.76 16.09
C GLY D 58 29.40 -1.30 14.69
N CYS D 59 28.19 -1.78 14.39
CA CYS D 59 27.87 -2.50 13.13
C CYS D 59 27.21 -1.56 12.12
N TRP D 60 27.49 -1.80 10.86
CA TRP D 60 26.95 -0.97 9.75
C TRP D 60 26.38 -1.91 8.70
N SER D 61 25.10 -1.72 8.37
CA SER D 61 24.41 -2.62 7.41
C SER D 61 25.07 -2.56 6.04
N HIS D 62 25.10 -3.69 5.35
CA HIS D 62 25.48 -3.80 3.91
C HIS D 62 24.42 -3.11 3.02
N ILE D 63 23.17 -3.02 3.48
CA ILE D 63 22.05 -2.53 2.60
C ILE D 63 22.26 -1.03 2.38
N GLY D 64 22.28 -0.58 1.13
CA GLY D 64 22.38 0.85 0.80
C GLY D 64 23.46 1.13 -0.22
N ASP D 65 23.95 0.09 -0.90
CA ASP D 65 25.09 0.14 -1.86
C ASP D 65 26.20 1.02 -1.30
N PRO D 66 26.76 0.67 -0.11
CA PRO D 66 27.69 1.54 0.59
C PRO D 66 29.16 1.24 0.22
N GLN D 67 29.74 2.03 -0.67
CA GLN D 67 31.15 1.88 -1.13
C GLN D 67 32.07 2.40 -0.02
N GLU D 68 31.54 3.11 0.98
CA GLU D 68 32.35 3.71 2.08
C GLU D 68 33.00 2.60 2.91
N CYS D 69 32.51 1.35 2.81
CA CYS D 69 32.75 0.28 3.82
C CYS D 69 33.51 -0.92 3.25
N HIS D 70 33.93 -0.88 1.99
CA HIS D 70 34.69 -1.99 1.35
C HIS D 70 36.17 -1.96 1.77
N TYR D 71 36.67 -0.82 2.26
CA TYR D 71 38.07 -0.66 2.71
C TYR D 71 38.33 -1.58 3.90
N GLU D 72 39.49 -2.22 3.93
CA GLU D 72 39.90 -3.14 5.03
C GLU D 72 40.13 -2.34 6.32
N GLU D 73 40.68 -1.12 6.20
CA GLU D 73 40.97 -0.22 7.35
C GLU D 73 39.95 0.92 7.40
N CYS D 74 39.77 1.50 8.58
CA CYS D 74 38.79 2.59 8.80
C CYS D 74 39.42 3.89 8.32
N VAL D 75 39.03 4.37 7.14
CA VAL D 75 39.64 5.58 6.53
C VAL D 75 38.55 6.59 6.22
N VAL D 76 38.69 7.83 6.69
CA VAL D 76 37.72 8.91 6.36
C VAL D 76 38.06 9.45 4.97
N THR D 77 37.23 9.14 3.97
CA THR D 77 37.55 9.23 2.53
C THR D 77 36.91 10.48 1.91
N THR D 78 35.68 10.78 2.31
CA THR D 78 34.87 11.91 1.79
C THR D 78 35.04 13.12 2.71
N THR D 79 35.10 14.33 2.15
CA THR D 79 35.17 15.60 2.92
C THR D 79 34.13 15.53 4.04
N PRO D 80 34.51 15.65 5.32
CA PRO D 80 33.58 15.47 6.44
C PRO D 80 32.26 16.21 6.30
N PRO D 81 31.15 15.65 6.84
CA PRO D 81 29.83 16.27 6.68
C PRO D 81 29.85 17.71 7.21
N SER D 82 29.03 18.60 6.63
CA SER D 82 28.87 20.01 7.07
C SER D 82 28.44 20.09 8.56
N ILE D 83 27.77 19.07 9.10
CA ILE D 83 27.21 19.04 10.49
C ILE D 83 28.28 19.44 11.51
N GLN D 84 27.91 20.25 12.51
CA GLN D 84 28.84 20.81 13.52
C GLN D 84 30.18 21.21 12.88
N ASN D 85 30.13 22.10 11.89
CA ASN D 85 31.32 22.76 11.29
C ASN D 85 32.33 21.70 10.78
N GLY D 86 31.85 20.58 10.23
CA GLY D 86 32.74 19.59 9.58
C GLY D 86 33.65 18.89 10.56
N THR D 87 33.23 18.79 11.83
CA THR D 87 34.03 18.14 12.90
C THR D 87 33.82 16.61 12.94
N TYR D 88 32.77 16.04 12.34
CA TYR D 88 32.54 14.59 12.53
C TYR D 88 33.50 13.82 11.63
N ARG D 89 33.93 12.66 12.11
CA ARG D 89 34.82 11.74 11.37
C ARG D 89 34.20 10.34 11.39
N PHE D 90 33.57 9.95 10.29
CA PHE D 90 32.93 8.63 10.16
C PHE D 90 33.77 7.76 9.24
N CYS D 91 33.97 6.50 9.61
CA CYS D 91 34.47 5.51 8.62
C CYS D 91 33.81 4.16 8.87
N CYS D 92 33.83 3.32 7.86
CA CYS D 92 33.39 1.91 8.00
C CYS D 92 34.36 1.05 7.23
N CYS D 93 34.46 -0.22 7.62
CA CYS D 93 35.55 -1.08 7.16
C CYS D 93 35.18 -2.55 7.34
N SER D 94 35.90 -3.42 6.65
CA SER D 94 35.45 -4.80 6.37
C SER D 94 36.36 -5.85 7.01
N THR D 95 37.20 -5.49 7.99
CA THR D 95 38.02 -6.48 8.72
C THR D 95 37.78 -6.40 10.22
N ASP D 96 37.95 -7.52 10.91
CA ASP D 96 37.74 -7.63 12.37
C ASP D 96 38.51 -6.50 13.06
N LEU D 97 37.81 -5.78 13.92
CA LEU D 97 38.33 -4.73 14.85
C LEU D 97 38.95 -3.59 14.06
N CYS D 98 38.59 -3.40 12.79
CA CYS D 98 39.17 -2.36 11.92
C CYS D 98 38.75 -0.96 12.40
N ASN D 99 37.69 -0.86 13.20
CA ASN D 99 37.10 0.42 13.61
C ASN D 99 37.63 0.92 14.94
N VAL D 100 38.71 0.34 15.47
CA VAL D 100 39.31 0.81 16.75
C VAL D 100 39.96 2.20 16.57
N ASN D 101 40.52 2.46 15.39
CA ASN D 101 41.18 3.75 15.05
C ASN D 101 40.78 4.14 13.63
N PHE D 102 41.01 5.39 13.27
CA PHE D 102 40.81 5.89 11.90
C PHE D 102 42.03 6.66 11.41
N THR D 103 42.12 6.82 10.09
CA THR D 103 43.08 7.72 9.41
C THR D 103 42.26 8.59 8.45
N GLU D 104 42.89 9.60 7.83
CA GLU D 104 42.18 10.64 7.05
C GLU D 104 42.71 10.77 5.61
N THR D 111 51.99 17.92 -0.84
CA THR D 111 53.03 17.21 -1.64
C THR D 111 52.83 15.69 -1.53
N THR D 112 53.19 14.95 -2.58
CA THR D 112 52.97 13.47 -2.73
C THR D 112 54.15 12.74 -2.08
N PRO D 113 53.99 11.46 -1.69
CA PRO D 113 55.12 10.68 -1.18
C PRO D 113 56.32 10.56 -2.15
N LEU D 114 56.11 10.84 -3.43
CA LEU D 114 57.16 10.63 -4.47
C LEU D 114 58.01 11.90 -4.64
N SER D 115 57.53 13.09 -4.23
CA SER D 115 58.37 14.33 -4.18
C SER D 115 58.66 14.71 -2.72
C1 GOL E . -41.14 -13.85 -7.68
O1 GOL E . -41.92 -13.97 -8.86
C2 GOL E . -41.80 -12.95 -6.66
O2 GOL E . -41.31 -13.27 -5.36
C3 GOL E . -41.58 -11.47 -6.96
O3 GOL E . -41.57 -11.20 -8.36
H11 GOL E . -40.26 -13.49 -7.91
H12 GOL E . -41.02 -14.74 -7.28
HO1 GOL E . -41.53 -14.49 -9.39
H2 GOL E . -42.78 -13.12 -6.68
HO2 GOL E . -40.99 -12.57 -5.01
H31 GOL E . -40.73 -11.18 -6.56
H32 GOL E . -42.31 -10.95 -6.54
HO3 GOL E . -42.21 -11.62 -8.74
#